data_6SDP
#
_entry.id   6SDP
#
_cell.length_a   57.864
_cell.length_b   57.864
_cell.length_c   397.732
_cell.angle_alpha   90.000
_cell.angle_beta   90.000
_cell.angle_gamma   120.000
#
_symmetry.space_group_name_H-M   'P 61 2 2'
#
loop_
_entity.id
_entity.type
_entity.pdbx_description
1 polymer 'Farnesyl diphosphate synthase'
2 non-polymer 'SULFATE ION'
3 non-polymer 'ZINC ION'
4 non-polymer P-NITROPHENOL
5 water water
#
_entity_poly.entity_id   1
_entity_poly.type   'polypeptide(L)'
_entity_poly.pdbx_seq_one_letter_code
;MASMERFLSVYDEVQAFLLDQLQSKYEIDPNRARYLRIMMDTTCLGGKYFRGMTVVNVAEGFLAVTQHDEATKERILHDA
CVGGWMIEFLQAHYLVEDDIMDGSVMRRGKPCWYRFPGVTTQCAINDGIILKSWTQIMAWHYFADRPFLKDLLCLFQKVD
YATAVGQMYDVTSMCDSNKLDPEVAQPMTTDFAEFTPAIYKRIVKYKTTFYTYLLPLVMGLLVSEAAASVEMNLVERVAH
LIGEYFQVQDDVMDCFTPPEQLGKVGTDIEDAKCSWLAVTFLGKANAAQVAEFKANYGEKDPAKVAVVKRLYSKANLQAD
FAAYEAEVVREVESLIEQLKVKSPTFAESVAVVWEKTHKRKK
;
_entity_poly.pdbx_strand_id   A
#
# COMPACT_ATOMS: atom_id res chain seq x y z
N MET A 1 -24.36 -3.14 13.27
CA MET A 1 -23.00 -3.23 13.89
C MET A 1 -22.03 -2.31 13.15
N ALA A 2 -21.32 -1.45 13.88
CA ALA A 2 -20.37 -0.57 13.22
C ALA A 2 -19.34 -1.38 12.47
N SER A 3 -18.93 -0.85 11.33
CA SER A 3 -18.09 -1.60 10.41
C SER A 3 -16.74 -1.93 11.01
N MET A 4 -16.16 -0.98 11.74
CA MET A 4 -14.85 -1.21 12.31
C MET A 4 -14.90 -2.29 13.40
N GLU A 5 -15.98 -2.28 14.19
CA GLU A 5 -16.18 -3.32 15.20
C GLU A 5 -16.22 -4.70 14.54
N ARG A 6 -16.94 -4.79 13.42
CA ARG A 6 -17.05 -6.06 12.70
C ARG A 6 -15.69 -6.48 12.17
N PHE A 7 -14.98 -5.54 11.56
CA PHE A 7 -13.67 -5.83 11.01
C PHE A 7 -12.70 -6.33 12.07
N LEU A 8 -12.70 -5.71 13.25
CA LEU A 8 -11.78 -6.14 14.30
C LEU A 8 -12.21 -7.48 14.87
N SER A 9 -13.53 -7.71 14.95
CA SER A 9 -13.99 -9.01 15.42
C SER A 9 -13.57 -10.11 14.47
N VAL A 10 -13.65 -9.84 13.16
CA VAL A 10 -13.22 -10.84 12.19
C VAL A 10 -11.72 -11.11 12.28
N TYR A 11 -10.91 -10.10 12.58
CA TYR A 11 -9.49 -10.39 12.80
C TYR A 11 -9.32 -11.45 13.88
N ASP A 12 -10.00 -11.28 15.01
N ASP A 12 -10.01 -11.26 15.00
CA ASP A 12 -9.81 -12.25 16.08
CA ASP A 12 -9.90 -12.20 16.12
C ASP A 12 -10.24 -13.64 15.61
C ASP A 12 -10.29 -13.61 15.66
N GLU A 13 -11.34 -13.70 14.86
CA GLU A 13 -11.83 -14.99 14.38
C GLU A 13 -10.85 -15.64 13.43
N VAL A 14 -10.32 -14.86 12.49
CA VAL A 14 -9.36 -15.40 11.51
C VAL A 14 -8.10 -15.85 12.21
N GLN A 15 -7.62 -15.05 13.16
CA GLN A 15 -6.43 -15.46 13.91
C GLN A 15 -6.67 -16.78 14.61
N ALA A 16 -7.80 -16.91 15.33
CA ALA A 16 -8.07 -18.16 16.01
C ALA A 16 -8.14 -19.32 15.02
N PHE A 17 -8.79 -19.13 13.88
CA PHE A 17 -8.85 -20.20 12.88
C PHE A 17 -7.45 -20.62 12.43
N LEU A 18 -6.62 -19.65 12.07
CA LEU A 18 -5.28 -19.98 11.56
C LEU A 18 -4.47 -20.73 12.59
N LEU A 19 -4.48 -20.25 13.84
CA LEU A 19 -3.69 -20.89 14.89
C LEU A 19 -4.26 -22.25 15.26
N ASP A 20 -5.58 -22.37 15.30
N ASP A 20 -5.59 -22.38 15.32
CA ASP A 20 -6.19 -23.67 15.59
CA ASP A 20 -6.18 -23.68 15.59
C ASP A 20 -5.84 -24.69 14.50
C ASP A 20 -5.79 -24.68 14.51
N GLN A 21 -5.80 -24.24 13.25
CA GLN A 21 -5.45 -25.14 12.16
C GLN A 21 -3.99 -25.55 12.22
N LEU A 22 -3.11 -24.65 12.64
CA LEU A 22 -1.70 -25.02 12.81
C LEU A 22 -1.55 -26.14 13.84
N GLN A 23 -2.37 -26.10 14.90
CA GLN A 23 -2.35 -27.16 15.91
C GLN A 23 -2.95 -28.46 15.37
N SER A 24 -4.07 -28.38 14.64
CA SER A 24 -4.79 -29.60 14.28
C SER A 24 -4.21 -30.29 13.04
N LYS A 25 -3.60 -29.52 12.12
CA LYS A 25 -3.14 -30.06 10.84
C LYS A 25 -1.64 -29.92 10.59
N TYR A 26 -0.94 -29.04 11.31
CA TYR A 26 0.49 -28.77 11.05
C TYR A 26 1.38 -29.10 12.23
N GLU A 27 0.86 -29.79 13.25
CA GLU A 27 1.65 -30.31 14.36
C GLU A 27 2.34 -29.23 15.18
N ILE A 28 1.80 -28.01 15.19
CA ILE A 28 2.50 -26.95 15.91
C ILE A 28 2.37 -27.15 17.40
N ASP A 29 3.36 -26.69 18.12
CA ASP A 29 3.39 -26.70 19.57
C ASP A 29 2.97 -25.33 20.10
N PRO A 30 2.56 -25.26 21.37
CA PRO A 30 1.99 -24.00 21.89
C PRO A 30 2.95 -22.80 21.87
N ASN A 31 4.24 -23.01 22.07
CA ASN A 31 5.14 -21.86 22.11
C ASN A 31 5.34 -21.25 20.74
N ARG A 32 5.45 -22.10 19.71
CA ARG A 32 5.54 -21.56 18.36
C ARG A 32 4.21 -20.93 17.91
N ALA A 33 3.08 -21.46 18.37
CA ALA A 33 1.80 -20.81 18.11
C ALA A 33 1.76 -19.41 18.73
N ARG A 34 2.28 -19.27 19.96
CA ARG A 34 2.34 -17.97 20.60
C ARG A 34 3.25 -17.01 19.83
N TYR A 35 4.42 -17.49 19.39
CA TYR A 35 5.26 -16.63 18.57
C TYR A 35 4.50 -16.11 17.36
N LEU A 36 3.79 -16.99 16.66
CA LEU A 36 3.11 -16.57 15.44
C LEU A 36 1.93 -15.66 15.74
N ARG A 37 1.26 -15.86 16.86
CA ARG A 37 0.20 -14.94 17.25
C ARG A 37 0.77 -13.54 17.45
N ILE A 38 1.88 -13.45 18.18
CA ILE A 38 2.52 -12.16 18.40
C ILE A 38 3.00 -11.55 17.08
N MET A 39 3.61 -12.36 16.22
CA MET A 39 4.05 -11.88 14.92
C MET A 39 2.88 -11.33 14.11
N MET A 40 1.77 -12.07 14.07
CA MET A 40 0.59 -11.59 13.36
C MET A 40 0.13 -10.25 13.90
N ASP A 41 -0.03 -10.16 15.22
CA ASP A 41 -0.50 -8.92 15.82
C ASP A 41 0.44 -7.75 15.52
N THR A 42 1.75 -8.01 15.62
CA THR A 42 2.72 -6.93 15.51
C THR A 42 2.82 -6.44 14.09
N THR A 43 2.68 -7.34 13.11
CA THR A 43 2.85 -6.96 11.72
C THR A 43 1.56 -6.53 11.04
N CYS A 44 0.39 -6.96 11.54
CA CYS A 44 -0.88 -6.72 10.87
C CYS A 44 -1.73 -5.66 11.52
N LEU A 45 -1.55 -5.37 12.81
CA LEU A 45 -2.37 -4.42 13.54
C LEU A 45 -1.60 -3.13 13.76
N GLY A 46 -2.34 -2.06 13.98
CA GLY A 46 -1.75 -0.80 14.38
C GLY A 46 -1.84 0.31 13.36
N GLY A 47 -2.08 -0.02 12.09
CA GLY A 47 -2.36 0.99 11.09
C GLY A 47 -3.80 1.46 11.11
N LYS A 48 -4.18 2.15 10.04
CA LYS A 48 -5.52 2.70 9.92
C LYS A 48 -6.53 1.75 9.28
N TYR A 49 -6.05 0.66 8.69
CA TYR A 49 -6.89 -0.29 7.97
C TYR A 49 -7.61 0.37 6.81
N PHE A 50 -7.01 1.36 6.17
CA PHE A 50 -7.63 2.00 5.02
C PHE A 50 -8.02 0.98 3.97
N ARG A 51 -7.09 0.09 3.63
CA ARG A 51 -7.29 -0.84 2.53
C ARG A 51 -8.36 -1.86 2.87
N GLY A 52 -8.22 -2.54 4.02
CA GLY A 52 -9.20 -3.56 4.36
C GLY A 52 -10.59 -2.98 4.55
N MET A 53 -10.67 -1.82 5.19
CA MET A 53 -11.98 -1.22 5.41
C MET A 53 -12.64 -0.76 4.12
N THR A 54 -11.86 -0.44 3.10
CA THR A 54 -12.48 -0.10 1.82
C THR A 54 -13.28 -1.26 1.24
N VAL A 55 -12.80 -2.50 1.39
CA VAL A 55 -13.60 -3.63 0.95
C VAL A 55 -14.96 -3.61 1.64
N VAL A 56 -14.93 -3.45 2.96
CA VAL A 56 -16.15 -3.42 3.76
C VAL A 56 -17.05 -2.27 3.33
N ASN A 57 -16.48 -1.08 3.14
CA ASN A 57 -17.31 0.08 2.83
C ASN A 57 -17.95 -0.05 1.45
N VAL A 58 -17.21 -0.58 0.47
CA VAL A 58 -17.78 -0.82 -0.85
C VAL A 58 -18.95 -1.78 -0.75
N ALA A 59 -18.77 -2.87 -0.01
CA ALA A 59 -19.84 -3.84 0.19
C ALA A 59 -21.04 -3.21 0.89
N GLU A 60 -20.80 -2.37 1.90
CA GLU A 60 -21.90 -1.71 2.61
C GLU A 60 -22.69 -0.84 1.65
N GLY A 61 -22.02 -0.19 0.71
CA GLY A 61 -22.73 0.68 -0.20
C GLY A 61 -23.71 -0.10 -1.06
N PHE A 62 -23.29 -1.26 -1.54
CA PHE A 62 -24.21 -2.08 -2.34
C PHE A 62 -25.33 -2.67 -1.49
N LEU A 63 -25.04 -3.09 -0.27
CA LEU A 63 -26.09 -3.61 0.59
C LEU A 63 -27.19 -2.60 0.79
N ALA A 64 -26.86 -1.31 0.82
CA ALA A 64 -27.85 -0.30 1.12
C ALA A 64 -28.88 -0.17 0.02
N VAL A 65 -28.58 -0.63 -1.19
CA VAL A 65 -29.45 -0.43 -2.35
C VAL A 65 -29.89 -1.74 -2.99
N THR A 66 -29.58 -2.88 -2.38
CA THR A 66 -29.85 -4.19 -2.99
C THR A 66 -30.70 -5.01 -2.03
N GLN A 67 -31.63 -5.78 -2.59
CA GLN A 67 -32.50 -6.65 -1.79
C GLN A 67 -31.75 -7.91 -1.40
N HIS A 68 -31.79 -8.24 -0.10
CA HIS A 68 -31.09 -9.39 0.44
C HIS A 68 -31.78 -9.81 1.74
N ASP A 69 -31.79 -11.12 2.00
CA ASP A 69 -32.09 -11.59 3.34
C ASP A 69 -31.02 -11.09 4.30
N GLU A 70 -31.39 -10.98 5.59
CA GLU A 70 -30.45 -10.57 6.62
C GLU A 70 -29.23 -11.49 6.66
N ALA A 71 -29.45 -12.80 6.52
CA ALA A 71 -28.34 -13.75 6.56
C ALA A 71 -27.39 -13.50 5.40
N THR A 72 -27.92 -13.04 4.27
CA THR A 72 -27.05 -12.74 3.14
C THR A 72 -26.26 -11.48 3.39
N LYS A 73 -26.88 -10.46 3.98
CA LYS A 73 -26.12 -9.27 4.36
C LYS A 73 -24.97 -9.64 5.28
N GLU A 74 -25.24 -10.47 6.29
CA GLU A 74 -24.19 -10.86 7.22
C GLU A 74 -23.09 -11.63 6.51
N ARG A 75 -23.45 -12.52 5.59
CA ARG A 75 -22.44 -13.26 4.85
C ARG A 75 -21.57 -12.33 4.03
N ILE A 76 -22.19 -11.41 3.28
CA ILE A 76 -21.43 -10.48 2.45
C ILE A 76 -20.48 -9.64 3.29
N LEU A 77 -20.96 -9.12 4.42
CA LEU A 77 -20.08 -8.31 5.25
C LEU A 77 -18.97 -9.14 5.86
N HIS A 78 -19.25 -10.35 6.28
CA HIS A 78 -18.20 -11.21 6.79
C HIS A 78 -17.16 -11.48 5.70
N ASP A 79 -17.62 -11.75 4.47
CA ASP A 79 -16.70 -11.98 3.36
C ASP A 79 -15.88 -10.73 3.10
N ALA A 80 -16.50 -9.55 3.15
CA ALA A 80 -15.77 -8.31 2.93
C ALA A 80 -14.69 -8.12 3.98
N CYS A 81 -14.97 -8.47 5.22
CA CYS A 81 -13.97 -8.39 6.28
C CYS A 81 -12.84 -9.37 6.03
N VAL A 82 -13.15 -10.62 5.69
CA VAL A 82 -12.07 -11.57 5.42
C VAL A 82 -11.23 -11.11 4.24
N GLY A 83 -11.86 -10.65 3.17
CA GLY A 83 -11.12 -10.13 2.04
C GLY A 83 -10.26 -8.93 2.41
N GLY A 84 -10.82 -8.03 3.21
CA GLY A 84 -10.06 -6.91 3.72
C GLY A 84 -8.84 -7.35 4.50
N TRP A 85 -8.97 -8.36 5.36
CA TRP A 85 -7.80 -8.87 6.08
C TRP A 85 -6.81 -9.53 5.13
N MET A 86 -7.25 -10.17 4.05
CA MET A 86 -6.29 -10.68 3.08
C MET A 86 -5.41 -9.55 2.58
N ILE A 87 -6.00 -8.40 2.29
CA ILE A 87 -5.20 -7.27 1.80
C ILE A 87 -4.28 -6.76 2.88
N GLU A 88 -4.77 -6.64 4.11
CA GLU A 88 -3.94 -6.19 5.21
C GLU A 88 -2.77 -7.14 5.46
N PHE A 89 -3.01 -8.45 5.34
CA PHE A 89 -1.93 -9.41 5.54
C PHE A 89 -0.94 -9.38 4.37
N LEU A 90 -1.42 -9.14 3.15
CA LEU A 90 -0.52 -8.95 2.03
C LEU A 90 0.35 -7.73 2.25
N GLN A 91 -0.25 -6.62 2.67
CA GLN A 91 0.56 -5.46 3.01
C GLN A 91 1.59 -5.81 4.08
N ALA A 92 1.17 -6.52 5.12
CA ALA A 92 2.08 -6.87 6.22
C ALA A 92 3.28 -7.64 5.70
N HIS A 93 3.05 -8.59 4.78
CA HIS A 93 4.14 -9.30 4.11
C HIS A 93 5.12 -8.34 3.48
N TYR A 94 4.62 -7.42 2.66
CA TYR A 94 5.51 -6.48 1.98
C TYR A 94 6.22 -5.55 2.94
N LEU A 95 5.57 -5.13 4.01
CA LEU A 95 6.24 -4.22 4.93
C LEU A 95 7.36 -4.94 5.70
N VAL A 96 7.10 -6.18 6.14
CA VAL A 96 8.14 -6.96 6.79
C VAL A 96 9.35 -7.09 5.87
N GLU A 97 9.10 -7.49 4.62
CA GLU A 97 10.22 -7.79 3.74
C GLU A 97 10.89 -6.50 3.29
N ASP A 98 10.11 -5.44 3.04
CA ASP A 98 10.70 -4.16 2.62
C ASP A 98 11.58 -3.56 3.73
N ASP A 99 11.14 -3.66 4.97
CA ASP A 99 11.93 -3.12 6.07
C ASP A 99 13.28 -3.83 6.15
N ILE A 100 13.30 -5.15 5.92
CA ILE A 100 14.57 -5.87 5.88
C ILE A 100 15.39 -5.41 4.69
N MET A 101 14.77 -5.38 3.52
CA MET A 101 15.49 -5.00 2.31
C MET A 101 16.18 -3.65 2.46
N ASP A 102 15.50 -2.70 3.09
CA ASP A 102 15.93 -1.32 3.16
C ASP A 102 16.74 -1.00 4.41
N GLY A 103 16.88 -1.97 5.31
CA GLY A 103 17.53 -1.70 6.59
C GLY A 103 16.81 -0.69 7.45
N SER A 104 15.49 -0.66 7.37
CA SER A 104 14.71 0.32 8.11
C SER A 104 14.76 0.05 9.62
N VAL A 105 14.56 1.10 10.40
CA VAL A 105 14.71 1.05 11.84
C VAL A 105 13.37 0.95 12.55
N MET A 106 12.42 1.80 12.17
N MET A 106 12.42 1.80 12.18
CA MET A 106 11.13 1.91 12.86
CA MET A 106 11.13 1.89 12.85
C MET A 106 10.01 1.85 11.84
C MET A 106 10.01 1.83 11.83
N ARG A 107 8.85 1.39 12.33
CA ARG A 107 7.63 1.32 11.53
C ARG A 107 6.49 1.52 12.52
N ARG A 108 5.67 2.55 12.31
CA ARG A 108 4.50 2.82 13.16
C ARG A 108 4.90 3.03 14.62
N GLY A 109 6.01 3.75 14.83
CA GLY A 109 6.47 4.10 16.15
C GLY A 109 7.17 2.99 16.91
N LYS A 110 7.34 1.82 16.33
CA LYS A 110 7.96 0.68 17.00
C LYS A 110 9.06 0.13 16.12
N PRO A 111 9.97 -0.66 16.68
CA PRO A 111 11.01 -1.27 15.85
C PRO A 111 10.38 -2.10 14.74
N CYS A 112 11.02 -2.09 13.58
CA CYS A 112 10.65 -3.03 12.52
C CYS A 112 10.76 -4.46 13.05
N TRP A 113 9.90 -5.34 12.53
CA TRP A 113 9.78 -6.68 13.08
C TRP A 113 11.13 -7.40 13.16
N TYR A 114 11.95 -7.33 12.09
CA TYR A 114 13.21 -8.06 12.08
C TYR A 114 14.16 -7.61 13.19
N ARG A 115 13.97 -6.41 13.71
CA ARG A 115 14.81 -5.88 14.76
C ARG A 115 14.39 -6.29 16.17
N PHE A 116 13.24 -6.94 16.33
CA PHE A 116 12.90 -7.46 17.64
C PHE A 116 14.00 -8.44 18.07
N PRO A 117 14.40 -8.45 19.34
CA PRO A 117 15.57 -9.24 19.75
C PRO A 117 15.44 -10.73 19.48
N GLY A 118 14.24 -11.27 19.64
CA GLY A 118 14.01 -12.68 19.48
C GLY A 118 13.46 -13.09 18.13
N VAL A 119 13.54 -12.19 17.17
CA VAL A 119 13.11 -12.43 15.80
C VAL A 119 14.35 -12.63 14.92
N THR A 120 15.04 -11.53 14.61
CA THR A 120 16.20 -11.48 13.71
C THR A 120 15.79 -11.63 12.25
N THR A 121 16.67 -11.23 11.34
CA THR A 121 16.41 -11.32 9.91
C THR A 121 16.16 -12.75 9.49
N GLN A 122 16.88 -13.69 10.07
CA GLN A 122 16.72 -15.10 9.68
C GLN A 122 15.29 -15.56 9.85
N CYS A 123 14.65 -15.21 10.96
CA CYS A 123 13.27 -15.58 11.15
C CYS A 123 12.32 -14.64 10.43
N ALA A 124 12.60 -13.34 10.41
CA ALA A 124 11.65 -12.38 9.87
C ALA A 124 11.38 -12.58 8.39
N ILE A 125 12.40 -12.94 7.60
CA ILE A 125 12.14 -13.18 6.18
C ILE A 125 11.08 -14.26 6.06
N ASN A 126 11.22 -15.33 6.82
CA ASN A 126 10.25 -16.42 6.75
C ASN A 126 8.91 -16.03 7.36
N ASP A 127 8.91 -15.24 8.43
CA ASP A 127 7.64 -14.75 8.95
C ASP A 127 6.87 -13.99 7.88
N GLY A 128 7.57 -13.18 7.08
CA GLY A 128 6.91 -12.48 6.00
C GLY A 128 6.31 -13.44 4.99
N ILE A 129 7.01 -14.55 4.72
CA ILE A 129 6.47 -15.57 3.82
C ILE A 129 5.18 -16.16 4.39
N ILE A 130 5.18 -16.43 5.69
CA ILE A 130 3.99 -16.97 6.35
C ILE A 130 2.83 -16.01 6.21
N LEU A 131 3.06 -14.70 6.42
CA LEU A 131 1.99 -13.72 6.28
C LEU A 131 1.33 -13.82 4.92
N LYS A 132 2.13 -13.97 3.86
CA LYS A 132 1.58 -14.12 2.52
C LYS A 132 0.83 -15.43 2.40
N SER A 133 1.38 -16.53 2.92
CA SER A 133 0.66 -17.79 2.84
C SER A 133 -0.71 -17.70 3.54
N TRP A 134 -0.76 -17.01 4.68
CA TRP A 134 -2.02 -16.90 5.40
C TRP A 134 -3.10 -16.25 4.55
N THR A 135 -2.75 -15.34 3.62
CA THR A 135 -3.79 -14.75 2.76
C THR A 135 -4.52 -15.83 1.97
N GLN A 136 -3.79 -16.84 1.51
CA GLN A 136 -4.41 -17.89 0.72
C GLN A 136 -5.12 -18.91 1.59
N ILE A 137 -4.57 -19.21 2.77
CA ILE A 137 -5.22 -20.12 3.70
C ILE A 137 -6.58 -19.57 4.06
N MET A 138 -6.65 -18.28 4.36
CA MET A 138 -7.95 -17.71 4.71
C MET A 138 -8.91 -17.71 3.52
N ALA A 139 -8.43 -17.44 2.31
CA ALA A 139 -9.33 -17.42 1.15
C ALA A 139 -9.93 -18.80 0.91
N TRP A 140 -9.09 -19.84 0.87
CA TRP A 140 -9.60 -21.18 0.57
C TRP A 140 -10.55 -21.66 1.67
N HIS A 141 -10.33 -21.25 2.92
CA HIS A 141 -11.21 -21.70 3.98
C HIS A 141 -12.55 -20.98 3.93
N TYR A 142 -12.52 -19.64 3.92
CA TYR A 142 -13.76 -18.86 4.05
C TYR A 142 -14.54 -18.76 2.75
N PHE A 143 -13.87 -18.85 1.60
CA PHE A 143 -14.49 -18.62 0.31
C PHE A 143 -14.60 -19.89 -0.52
N ALA A 144 -14.39 -21.06 0.09
CA ALA A 144 -14.39 -22.32 -0.66
C ALA A 144 -15.63 -22.48 -1.55
N ASP A 145 -16.79 -22.12 -1.05
CA ASP A 145 -18.03 -22.37 -1.77
C ASP A 145 -18.48 -21.19 -2.63
N ARG A 146 -17.69 -20.14 -2.72
CA ARG A 146 -18.23 -18.88 -3.22
C ARG A 146 -18.04 -18.75 -4.72
N PRO A 147 -19.03 -18.17 -5.39
CA PRO A 147 -18.90 -18.01 -6.85
C PRO A 147 -17.75 -17.11 -7.25
N PHE A 148 -17.34 -16.18 -6.38
CA PHE A 148 -16.28 -15.25 -6.71
C PHE A 148 -14.88 -15.77 -6.40
N LEU A 149 -14.74 -17.00 -5.90
CA LEU A 149 -13.44 -17.47 -5.47
C LEU A 149 -12.41 -17.38 -6.58
N LYS A 150 -12.72 -17.91 -7.76
CA LYS A 150 -11.75 -17.91 -8.84
C LYS A 150 -11.32 -16.50 -9.22
N ASP A 151 -12.28 -15.60 -9.45
CA ASP A 151 -11.94 -14.24 -9.81
C ASP A 151 -11.12 -13.56 -8.73
N LEU A 152 -11.47 -13.78 -7.46
CA LEU A 152 -10.77 -13.13 -6.36
C LEU A 152 -9.33 -13.62 -6.26
N LEU A 153 -9.13 -14.93 -6.39
CA LEU A 153 -7.77 -15.46 -6.30
C LEU A 153 -6.93 -14.98 -7.47
N CYS A 154 -7.51 -14.93 -8.66
CA CYS A 154 -6.74 -14.49 -9.81
C CYS A 154 -6.38 -13.02 -9.69
N LEU A 155 -7.33 -12.19 -9.27
CA LEU A 155 -7.04 -10.78 -9.03
C LEU A 155 -5.94 -10.63 -7.99
N PHE A 156 -6.06 -11.36 -6.89
CA PHE A 156 -5.12 -11.23 -5.78
C PHE A 156 -3.69 -11.53 -6.24
N GLN A 157 -3.51 -12.62 -6.97
CA GLN A 157 -2.15 -12.98 -7.36
C GLN A 157 -1.59 -11.99 -8.38
N LYS A 158 -2.42 -11.45 -9.28
CA LYS A 158 -1.93 -10.44 -10.21
C LYS A 158 -1.50 -9.18 -9.47
N VAL A 159 -2.27 -8.78 -8.47
CA VAL A 159 -1.91 -7.59 -7.71
C VAL A 159 -0.63 -7.84 -6.92
N ASP A 160 -0.50 -9.04 -6.34
CA ASP A 160 0.72 -9.39 -5.62
C ASP A 160 1.92 -9.28 -6.55
N TYR A 161 1.81 -9.85 -7.73
CA TYR A 161 2.89 -9.80 -8.71
C TYR A 161 3.20 -8.37 -9.10
N ALA A 162 2.18 -7.57 -9.40
CA ALA A 162 2.41 -6.18 -9.75
C ALA A 162 3.17 -5.46 -8.65
N THR A 163 2.85 -5.75 -7.40
CA THR A 163 3.51 -5.10 -6.28
C THR A 163 4.98 -5.48 -6.24
N ALA A 164 5.28 -6.76 -6.46
CA ALA A 164 6.68 -7.20 -6.49
C ALA A 164 7.43 -6.52 -7.64
N VAL A 165 6.80 -6.42 -8.81
CA VAL A 165 7.42 -5.72 -9.93
C VAL A 165 7.65 -4.26 -9.58
N GLY A 166 6.69 -3.65 -8.92
CA GLY A 166 6.87 -2.27 -8.50
C GLY A 166 7.99 -2.11 -7.50
N GLN A 167 8.15 -3.08 -6.58
CA GLN A 167 9.28 -3.05 -5.66
C GLN A 167 10.59 -3.07 -6.42
N MET A 168 10.67 -3.88 -7.49
CA MET A 168 11.86 -3.87 -8.33
C MET A 168 12.07 -2.49 -8.96
N TYR A 169 11.00 -1.89 -9.48
CA TYR A 169 11.15 -0.55 -10.08
C TYR A 169 11.65 0.45 -9.05
N ASP A 170 11.19 0.33 -7.80
CA ASP A 170 11.55 1.27 -6.74
C ASP A 170 12.98 1.10 -6.30
N VAL A 171 13.39 -0.16 -6.06
CA VAL A 171 14.73 -0.44 -5.54
C VAL A 171 15.82 -0.08 -6.54
N THR A 172 15.52 -0.12 -7.84
CA THR A 172 16.46 0.18 -8.89
C THR A 172 16.31 1.59 -9.45
N SER A 173 15.50 2.44 -8.82
CA SER A 173 15.13 3.71 -9.43
C SER A 173 16.27 4.72 -9.41
N MET A 174 17.33 4.47 -8.65
CA MET A 174 18.46 5.37 -8.55
C MET A 174 19.65 4.90 -9.36
N CYS A 175 19.49 3.84 -10.13
CA CYS A 175 20.56 3.37 -11.01
C CYS A 175 20.18 3.62 -12.46
N ASP A 176 21.18 3.67 -13.33
CA ASP A 176 20.93 3.84 -14.76
C ASP A 176 20.50 2.49 -15.34
N SER A 177 19.41 2.50 -16.09
CA SER A 177 18.85 1.24 -16.55
C SER A 177 19.83 0.48 -17.42
N ASN A 178 20.61 1.19 -18.22
CA ASN A 178 21.50 0.54 -19.17
C ASN A 178 22.70 -0.10 -18.51
N LYS A 179 22.92 0.14 -17.22
CA LYS A 179 24.01 -0.47 -16.51
C LYS A 179 23.56 -1.62 -15.59
N LEU A 180 22.26 -1.88 -15.50
CA LEU A 180 21.78 -2.96 -14.65
C LEU A 180 22.43 -4.26 -15.10
N ASP A 181 22.95 -5.03 -14.15
CA ASP A 181 23.72 -6.23 -14.47
C ASP A 181 23.98 -6.99 -13.18
N PRO A 182 23.44 -8.19 -13.02
CA PRO A 182 23.69 -8.93 -11.77
C PRO A 182 25.16 -9.13 -11.47
N GLU A 183 26.03 -9.10 -12.48
CA GLU A 183 27.44 -9.39 -12.29
C GLU A 183 28.23 -8.21 -11.78
N VAL A 184 27.69 -6.99 -11.83
CA VAL A 184 28.46 -5.78 -11.62
C VAL A 184 27.79 -4.92 -10.55
N ALA A 185 28.56 -4.49 -9.56
CA ALA A 185 27.98 -3.67 -8.51
C ALA A 185 27.44 -2.36 -9.10
N GLN A 186 26.29 -1.91 -8.58
CA GLN A 186 25.53 -0.87 -9.25
C GLN A 186 25.84 0.50 -8.67
N PRO A 187 26.37 1.43 -9.45
CA PRO A 187 26.54 2.79 -8.93
C PRO A 187 25.26 3.59 -9.08
N MET A 188 25.07 4.54 -8.17
CA MET A 188 24.00 5.51 -8.30
C MET A 188 24.18 6.31 -9.59
N THR A 189 23.06 6.66 -10.22
CA THR A 189 23.08 7.56 -11.36
C THR A 189 23.84 8.83 -11.03
N THR A 190 24.56 9.36 -12.03
CA THR A 190 25.10 10.70 -11.90
C THR A 190 24.30 11.75 -12.66
N ASP A 191 23.60 11.37 -13.73
CA ASP A 191 22.87 12.34 -14.52
C ASP A 191 21.43 12.55 -14.06
N PHE A 192 20.87 11.61 -13.31
CA PHE A 192 19.47 11.69 -12.89
C PHE A 192 18.53 11.84 -14.07
N ALA A 193 18.92 11.35 -15.24
CA ALA A 193 18.03 11.47 -16.40
C ALA A 193 16.77 10.65 -16.27
N GLU A 194 16.77 9.58 -15.46
CA GLU A 194 15.59 8.75 -15.26
C GLU A 194 14.72 9.24 -14.12
N PHE A 195 15.01 10.41 -13.56
CA PHE A 195 14.13 11.05 -12.58
C PHE A 195 13.14 11.93 -13.36
N THR A 196 12.15 11.27 -13.97
CA THR A 196 11.13 11.97 -14.74
C THR A 196 9.74 11.66 -14.19
N PRO A 197 8.73 12.49 -14.51
CA PRO A 197 7.36 12.16 -14.09
C PRO A 197 6.88 10.79 -14.58
N ALA A 198 7.14 10.43 -15.83
CA ALA A 198 6.62 9.17 -16.32
C ALA A 198 7.27 7.98 -15.63
N ILE A 199 8.57 8.07 -15.34
CA ILE A 199 9.22 6.96 -14.68
C ILE A 199 8.78 6.86 -13.22
N TYR A 200 8.67 8.01 -12.55
CA TYR A 200 8.08 8.06 -11.20
C TYR A 200 6.69 7.44 -11.20
N LYS A 201 5.87 7.78 -12.20
CA LYS A 201 4.50 7.27 -12.23
C LYS A 201 4.46 5.76 -12.37
N ARG A 202 5.39 5.19 -13.15
CA ARG A 202 5.48 3.74 -13.27
C ARG A 202 5.81 3.09 -11.93
N ILE A 203 6.81 3.63 -11.21
CA ILE A 203 7.15 3.09 -9.89
C ILE A 203 5.93 3.03 -9.00
N VAL A 204 5.24 4.16 -8.87
CA VAL A 204 4.14 4.27 -7.92
C VAL A 204 2.97 3.38 -8.34
N LYS A 205 2.64 3.37 -9.63
CA LYS A 205 1.53 2.57 -10.12
C LYS A 205 1.68 1.14 -9.65
N TYR A 206 2.87 0.57 -9.81
CA TYR A 206 3.06 -0.82 -9.51
C TYR A 206 3.36 -1.08 -8.03
N LYS A 207 4.20 -0.25 -7.40
CA LYS A 207 4.63 -0.54 -6.04
C LYS A 207 3.53 -0.31 -5.03
N THR A 208 2.59 0.61 -5.33
N THR A 208 2.56 0.57 -5.31
CA THR A 208 1.60 1.11 -4.37
CA THR A 208 1.51 0.81 -4.32
C THR A 208 0.16 0.93 -4.83
C THR A 208 0.08 0.85 -4.84
N THR A 209 -0.20 1.40 -6.03
CA THR A 209 -1.60 1.65 -6.34
C THR A 209 -2.38 0.36 -6.53
N PHE A 210 -1.77 -0.69 -7.06
CA PHE A 210 -2.54 -1.92 -7.27
C PHE A 210 -3.02 -2.49 -5.95
N TYR A 211 -2.14 -2.59 -4.96
CA TYR A 211 -2.57 -3.21 -3.70
C TYR A 211 -3.30 -2.24 -2.79
N THR A 212 -3.06 -0.93 -2.93
CA THR A 212 -3.61 0.06 -2.01
C THR A 212 -5.00 0.54 -2.43
N TYR A 213 -5.28 0.61 -3.73
CA TYR A 213 -6.58 1.08 -4.22
C TYR A 213 -7.27 0.10 -5.14
N LEU A 214 -6.59 -0.45 -6.14
CA LEU A 214 -7.29 -1.30 -7.09
C LEU A 214 -7.82 -2.55 -6.39
N LEU A 215 -6.98 -3.21 -5.62
CA LEU A 215 -7.39 -4.45 -4.96
C LEU A 215 -8.55 -4.25 -4.00
N PRO A 216 -8.54 -3.27 -3.08
CA PRO A 216 -9.73 -3.13 -2.22
C PRO A 216 -10.98 -2.76 -2.99
N LEU A 217 -10.91 -1.88 -3.99
CA LEU A 217 -12.12 -1.52 -4.72
C LEU A 217 -12.68 -2.72 -5.44
N VAL A 218 -11.83 -3.46 -6.15
CA VAL A 218 -12.35 -4.58 -6.95
C VAL A 218 -12.78 -5.73 -6.05
N MET A 219 -12.06 -5.97 -4.94
CA MET A 219 -12.48 -7.01 -4.03
C MET A 219 -13.84 -6.71 -3.45
N GLY A 220 -14.08 -5.43 -3.13
CA GLY A 220 -15.39 -5.03 -2.67
C GLY A 220 -16.47 -5.33 -3.70
N LEU A 221 -16.17 -5.08 -4.97
CA LEU A 221 -17.11 -5.44 -6.03
C LEU A 221 -17.30 -6.95 -6.11
N LEU A 222 -16.24 -7.74 -5.97
CA LEU A 222 -16.37 -9.19 -6.14
C LEU A 222 -17.21 -9.81 -5.04
N VAL A 223 -16.96 -9.43 -3.78
CA VAL A 223 -17.71 -10.03 -2.66
C VAL A 223 -19.17 -9.60 -2.72
N SER A 224 -19.46 -8.49 -3.40
CA SER A 224 -20.81 -7.97 -3.61
C SER A 224 -21.45 -8.51 -4.89
N GLU A 225 -20.74 -9.35 -5.66
CA GLU A 225 -21.19 -9.83 -6.96
C GLU A 225 -21.70 -8.69 -7.84
N ALA A 226 -20.88 -7.63 -7.89
CA ALA A 226 -21.28 -6.38 -8.51
C ALA A 226 -20.31 -5.89 -9.58
N ALA A 227 -19.27 -6.65 -9.89
CA ALA A 227 -18.25 -6.16 -10.82
C ALA A 227 -18.83 -5.89 -12.19
N ALA A 228 -19.78 -6.71 -12.64
CA ALA A 228 -20.33 -6.51 -13.97
C ALA A 228 -21.10 -5.20 -14.08
N SER A 229 -21.43 -4.57 -12.96
CA SER A 229 -22.26 -3.37 -12.97
C SER A 229 -21.46 -2.07 -13.07
N VAL A 230 -20.12 -2.13 -13.09
CA VAL A 230 -19.28 -0.94 -13.21
C VAL A 230 -18.42 -1.05 -14.47
N GLU A 231 -17.91 0.10 -14.92
N GLU A 231 -17.86 0.09 -14.86
CA GLU A 231 -16.93 0.11 -16.00
CA GLU A 231 -16.91 0.19 -15.98
C GLU A 231 -15.54 -0.06 -15.39
C GLU A 231 -15.50 -0.02 -15.42
N MET A 232 -14.94 -1.22 -15.62
CA MET A 232 -13.68 -1.54 -14.98
C MET A 232 -12.55 -0.62 -15.44
N ASN A 233 -12.57 -0.14 -16.68
CA ASN A 233 -11.55 0.80 -17.13
C ASN A 233 -11.55 2.07 -16.27
N LEU A 234 -12.73 2.51 -15.80
CA LEU A 234 -12.78 3.67 -14.92
C LEU A 234 -12.25 3.33 -13.52
N VAL A 235 -12.54 2.12 -13.04
CA VAL A 235 -12.04 1.73 -11.73
C VAL A 235 -10.51 1.76 -11.74
N GLU A 236 -9.91 1.22 -12.81
CA GLU A 236 -8.45 1.22 -12.94
C GLU A 236 -7.92 2.65 -12.96
N ARG A 237 -8.54 3.50 -13.78
CA ARG A 237 -8.05 4.87 -13.92
C ARG A 237 -8.16 5.64 -12.60
N VAL A 238 -9.25 5.43 -11.85
CA VAL A 238 -9.39 6.21 -10.62
C VAL A 238 -8.45 5.67 -9.54
N ALA A 239 -8.25 4.35 -9.50
CA ALA A 239 -7.30 3.76 -8.58
C ALA A 239 -5.90 4.28 -8.85
N HIS A 240 -5.52 4.34 -10.11
CA HIS A 240 -4.15 4.77 -10.40
C HIS A 240 -3.97 6.24 -10.06
N LEU A 241 -5.00 7.05 -10.27
CA LEU A 241 -4.92 8.48 -9.95
C LEU A 241 -4.84 8.73 -8.44
N ILE A 242 -5.77 8.15 -7.67
CA ILE A 242 -5.77 8.36 -6.23
C ILE A 242 -4.52 7.76 -5.60
N GLY A 243 -4.11 6.59 -6.08
CA GLY A 243 -2.93 5.95 -5.54
C GLY A 243 -1.67 6.77 -5.73
N GLU A 244 -1.54 7.43 -6.86
CA GLU A 244 -0.39 8.30 -7.06
C GLU A 244 -0.40 9.46 -6.08
N TYR A 245 -1.57 10.06 -5.84
CA TYR A 245 -1.65 11.14 -4.88
C TYR A 245 -1.24 10.68 -3.49
N PHE A 246 -1.74 9.51 -3.09
CA PHE A 246 -1.38 8.92 -1.80
C PHE A 246 0.13 8.81 -1.65
N GLN A 247 0.82 8.35 -2.70
CA GLN A 247 2.26 8.16 -2.62
C GLN A 247 2.99 9.49 -2.63
N VAL A 248 2.51 10.47 -3.40
CA VAL A 248 3.13 11.79 -3.38
C VAL A 248 3.08 12.37 -1.98
N GLN A 249 1.92 12.25 -1.31
CA GLN A 249 1.84 12.71 0.07
C GLN A 249 2.86 11.98 0.93
N ASP A 250 3.00 10.67 0.75
CA ASP A 250 3.96 9.94 1.57
C ASP A 250 5.38 10.40 1.31
N ASP A 251 5.70 10.71 0.04
CA ASP A 251 7.04 11.18 -0.29
C ASP A 251 7.34 12.52 0.37
N VAL A 252 6.37 13.44 0.36
CA VAL A 252 6.58 14.73 1.02
C VAL A 252 6.76 14.53 2.51
N MET A 253 5.95 13.66 3.11
CA MET A 253 6.04 13.45 4.55
C MET A 253 7.36 12.80 4.94
N ASP A 254 7.89 11.91 4.10
CA ASP A 254 9.18 11.29 4.40
C ASP A 254 10.24 12.35 4.67
N CYS A 255 10.21 13.44 3.92
CA CYS A 255 11.21 14.49 4.04
C CYS A 255 10.86 15.49 5.14
N PHE A 256 9.58 15.87 5.29
CA PHE A 256 9.23 17.05 6.06
C PHE A 256 8.42 16.79 7.31
N THR A 257 7.86 15.62 7.48
CA THR A 257 7.05 15.37 8.67
C THR A 257 7.95 14.95 9.83
N PRO A 258 7.83 15.58 11.00
CA PRO A 258 8.67 15.20 12.13
C PRO A 258 8.54 13.71 12.40
N PRO A 259 9.65 13.03 12.70
CA PRO A 259 9.57 11.57 12.86
C PRO A 259 8.60 11.10 13.94
N GLU A 260 8.38 11.89 15.00
CA GLU A 260 7.44 11.47 16.02
C GLU A 260 6.04 11.31 15.44
N GLN A 261 5.67 12.13 14.47
CA GLN A 261 4.38 12.01 13.81
C GLN A 261 4.43 10.98 12.69
N LEU A 262 5.56 10.91 11.97
CA LEU A 262 5.69 9.96 10.87
C LEU A 262 5.71 8.52 11.38
N GLY A 263 6.28 8.29 12.57
CA GLY A 263 6.48 6.95 13.09
C GLY A 263 7.81 6.34 12.73
N LYS A 264 8.69 7.10 12.10
CA LYS A 264 9.97 6.61 11.61
C LYS A 264 10.82 7.82 11.24
N VAL A 265 12.09 7.59 10.97
CA VAL A 265 12.96 8.61 10.38
C VAL A 265 12.98 8.34 8.88
N GLY A 266 12.53 9.31 8.09
CA GLY A 266 12.54 9.16 6.65
C GLY A 266 13.97 9.23 6.13
N THR A 267 14.29 8.34 5.19
CA THR A 267 15.64 8.27 4.63
C THR A 267 15.66 8.32 3.11
N ASP A 268 14.61 8.83 2.46
CA ASP A 268 14.55 8.78 1.00
C ASP A 268 15.73 9.52 0.36
N ILE A 269 16.16 10.65 0.95
CA ILE A 269 17.27 11.38 0.37
C ILE A 269 18.56 10.57 0.45
N GLU A 270 18.85 10.02 1.63
CA GLU A 270 20.05 9.20 1.79
C GLU A 270 20.03 7.98 0.88
N ASP A 271 18.84 7.43 0.64
CA ASP A 271 18.69 6.23 -0.16
C ASP A 271 18.63 6.56 -1.66
N ALA A 272 18.67 7.83 -2.04
CA ALA A 272 18.64 8.26 -3.44
C ALA A 272 17.34 7.88 -4.15
N LYS A 273 16.23 7.84 -3.43
CA LYS A 273 15.00 7.39 -4.05
C LYS A 273 14.51 8.37 -5.12
N CYS A 274 13.85 7.82 -6.13
CA CYS A 274 13.13 8.65 -7.10
C CYS A 274 11.79 9.06 -6.50
N SER A 275 11.83 10.09 -5.67
CA SER A 275 10.67 10.61 -4.97
C SER A 275 10.02 11.74 -5.76
N TRP A 276 8.76 12.03 -5.40
CA TRP A 276 8.10 13.16 -6.04
C TRP A 276 8.88 14.45 -5.82
N LEU A 277 9.51 14.59 -4.66
CA LEU A 277 10.26 15.82 -4.36
C LEU A 277 11.44 15.98 -5.31
N ALA A 278 12.19 14.88 -5.50
CA ALA A 278 13.38 14.93 -6.35
C ALA A 278 13.00 15.19 -7.80
N VAL A 279 11.99 14.49 -8.30
CA VAL A 279 11.58 14.68 -9.68
C VAL A 279 11.09 16.10 -9.90
N THR A 280 10.27 16.61 -8.98
CA THR A 280 9.69 17.93 -9.13
C THR A 280 10.76 19.01 -8.99
N PHE A 281 11.69 18.82 -8.04
CA PHE A 281 12.83 19.73 -7.94
C PHE A 281 13.60 19.79 -9.25
N LEU A 282 13.95 18.62 -9.79
CA LEU A 282 14.71 18.63 -11.04
C LEU A 282 13.91 19.18 -12.21
N GLY A 283 12.58 19.21 -12.12
CA GLY A 283 11.77 19.81 -13.14
C GLY A 283 11.66 21.32 -13.08
N LYS A 284 12.20 21.95 -12.06
CA LYS A 284 12.16 23.41 -11.98
C LYS A 284 13.51 24.06 -11.68
N ALA A 285 14.55 23.28 -11.38
CA ALA A 285 15.82 23.81 -10.94
C ALA A 285 16.62 24.43 -12.08
N ASN A 286 17.48 25.38 -11.72
CA ASN A 286 18.44 25.92 -12.66
C ASN A 286 19.71 25.08 -12.57
N ALA A 287 20.68 25.40 -13.42
CA ALA A 287 21.87 24.56 -13.54
C ALA A 287 22.64 24.49 -12.22
N ALA A 288 22.75 25.62 -11.52
CA ALA A 288 23.47 25.61 -10.26
C ALA A 288 22.75 24.76 -9.22
N GLN A 289 21.42 24.85 -9.18
CA GLN A 289 20.64 24.04 -8.26
C GLN A 289 20.76 22.56 -8.61
N VAL A 290 20.72 22.22 -9.91
CA VAL A 290 20.94 20.83 -10.30
C VAL A 290 22.29 20.34 -9.80
N ALA A 291 23.33 21.15 -10.01
CA ALA A 291 24.66 20.71 -9.62
C ALA A 291 24.76 20.50 -8.12
N GLU A 292 24.18 21.40 -7.32
CA GLU A 292 24.25 21.21 -5.88
C GLU A 292 23.48 19.97 -5.45
N PHE A 293 22.34 19.72 -6.10
CA PHE A 293 21.59 18.51 -5.81
C PHE A 293 22.45 17.28 -6.09
N LYS A 294 23.06 17.23 -7.26
CA LYS A 294 23.91 16.09 -7.58
C LYS A 294 25.03 15.91 -6.58
N ALA A 295 25.59 17.01 -6.05
CA ALA A 295 26.71 16.91 -5.12
C ALA A 295 26.31 16.39 -3.75
N ASN A 296 25.01 16.37 -3.41
CA ASN A 296 24.59 16.03 -2.07
C ASN A 296 23.58 14.89 -1.98
N TYR A 297 22.91 14.51 -3.07
CA TYR A 297 21.84 13.52 -2.95
C TYR A 297 22.40 12.11 -2.80
N GLY A 298 21.67 11.27 -2.07
CA GLY A 298 22.03 9.86 -2.01
C GLY A 298 23.17 9.53 -1.08
N GLU A 299 23.42 10.35 -0.06
CA GLU A 299 24.52 10.11 0.87
C GLU A 299 24.01 10.20 2.32
N LYS A 300 24.51 9.30 3.17
CA LYS A 300 24.09 9.29 4.56
C LYS A 300 24.58 10.51 5.34
N ASP A 301 25.66 11.15 4.88
CA ASP A 301 26.21 12.36 5.48
C ASP A 301 25.11 13.33 5.86
N PRO A 302 24.88 13.57 7.15
CA PRO A 302 23.76 14.44 7.55
C PRO A 302 23.86 15.85 7.01
N ALA A 303 25.07 16.38 6.85
CA ALA A 303 25.20 17.71 6.28
C ALA A 303 24.75 17.74 4.83
N LYS A 304 24.96 16.64 4.10
CA LYS A 304 24.51 16.60 2.70
C LYS A 304 22.99 16.47 2.62
N VAL A 305 22.39 15.66 3.49
CA VAL A 305 20.92 15.60 3.55
C VAL A 305 20.34 16.97 3.81
N ALA A 306 20.94 17.73 4.74
CA ALA A 306 20.42 19.05 5.07
C ALA A 306 20.51 20.01 3.88
N VAL A 307 21.57 19.90 3.07
CA VAL A 307 21.65 20.70 1.85
C VAL A 307 20.48 20.37 0.93
N VAL A 308 20.13 19.09 0.79
CA VAL A 308 19.03 18.73 -0.10
C VAL A 308 17.71 19.26 0.44
N LYS A 309 17.46 19.10 1.74
CA LYS A 309 16.22 19.61 2.31
C LYS A 309 16.12 21.13 2.14
N ARG A 310 17.25 21.83 2.22
CA ARG A 310 17.23 23.28 2.00
C ARG A 310 16.95 23.60 0.54
N LEU A 311 17.55 22.85 -0.40
CA LEU A 311 17.24 23.04 -1.80
C LEU A 311 15.74 22.88 -2.04
N TYR A 312 15.16 21.80 -1.50
CA TYR A 312 13.72 21.59 -1.63
C TYR A 312 12.93 22.75 -1.04
N SER A 313 13.29 23.16 0.18
CA SER A 313 12.58 24.27 0.83
C SER A 313 12.66 25.53 -0.01
N LYS A 314 13.86 25.90 -0.45
CA LYS A 314 14.04 27.13 -1.22
C LYS A 314 13.39 27.07 -2.58
N ALA A 315 13.09 25.87 -3.09
CA ALA A 315 12.49 25.70 -4.41
C ALA A 315 10.98 25.83 -4.41
N ASN A 316 10.37 26.06 -3.25
CA ASN A 316 8.94 26.32 -3.16
C ASN A 316 8.14 25.15 -3.75
N LEU A 317 8.52 23.93 -3.38
CA LEU A 317 7.81 22.76 -3.90
C LEU A 317 6.41 22.65 -3.31
N GLN A 318 6.15 23.31 -2.19
CA GLN A 318 4.78 23.39 -1.70
C GLN A 318 3.84 23.93 -2.78
N ALA A 319 4.31 24.86 -3.60
CA ALA A 319 3.47 25.40 -4.67
C ALA A 319 3.23 24.37 -5.76
N ASP A 320 4.24 23.55 -6.09
CA ASP A 320 4.03 22.48 -7.05
C ASP A 320 3.05 21.45 -6.50
N PHE A 321 3.11 21.17 -5.19
CA PHE A 321 2.17 20.21 -4.63
C PHE A 321 0.75 20.75 -4.73
N ALA A 322 0.57 22.03 -4.43
CA ALA A 322 -0.77 22.61 -4.53
C ALA A 322 -1.31 22.49 -5.95
N ALA A 323 -0.46 22.72 -6.94
CA ALA A 323 -0.91 22.63 -8.33
C ALA A 323 -1.22 21.18 -8.69
N TYR A 324 -0.37 20.25 -8.25
CA TYR A 324 -0.60 18.84 -8.48
C TYR A 324 -1.92 18.41 -7.86
N GLU A 325 -2.15 18.80 -6.60
CA GLU A 325 -3.38 18.44 -5.90
C GLU A 325 -4.60 18.99 -6.61
N ALA A 326 -4.54 20.24 -7.05
CA ALA A 326 -5.68 20.81 -7.76
C ALA A 326 -6.00 20.03 -9.03
N GLU A 327 -4.97 19.56 -9.73
CA GLU A 327 -5.23 18.78 -10.92
C GLU A 327 -5.83 17.42 -10.57
N VAL A 328 -5.33 16.78 -9.52
CA VAL A 328 -5.92 15.51 -9.08
C VAL A 328 -7.40 15.70 -8.73
N VAL A 329 -7.74 16.78 -8.04
CA VAL A 329 -9.14 17.03 -7.70
C VAL A 329 -9.99 17.10 -8.97
N ARG A 330 -9.51 17.83 -9.98
CA ARG A 330 -10.24 17.93 -11.24
C ARG A 330 -10.48 16.55 -11.82
N GLU A 331 -9.42 15.75 -11.87
CA GLU A 331 -9.46 14.49 -12.58
C GLU A 331 -10.26 13.46 -11.79
N VAL A 332 -10.13 13.44 -10.46
CA VAL A 332 -10.89 12.48 -9.67
C VAL A 332 -12.37 12.79 -9.73
N GLU A 333 -12.72 14.08 -9.64
CA GLU A 333 -14.13 14.45 -9.74
C GLU A 333 -14.69 14.05 -11.10
N SER A 334 -13.89 14.19 -12.16
CA SER A 334 -14.34 13.80 -13.49
C SER A 334 -14.59 12.30 -13.55
N LEU A 335 -13.67 11.50 -12.99
CA LEU A 335 -13.84 10.04 -13.00
C LEU A 335 -15.04 9.60 -12.16
N ILE A 336 -15.26 10.26 -11.02
CA ILE A 336 -16.44 9.93 -10.21
C ILE A 336 -17.71 10.22 -11.00
N GLU A 337 -17.75 11.36 -11.72
CA GLU A 337 -18.92 11.65 -12.55
C GLU A 337 -19.13 10.57 -13.59
N GLN A 338 -18.05 10.08 -14.21
CA GLN A 338 -18.21 9.04 -15.23
C GLN A 338 -18.70 7.73 -14.61
N LEU A 339 -18.21 7.41 -13.41
CA LEU A 339 -18.64 6.20 -12.72
C LEU A 339 -20.13 6.22 -12.45
N LYS A 340 -20.71 7.41 -12.30
CA LYS A 340 -22.14 7.51 -12.01
C LYS A 340 -23.02 7.00 -13.15
N VAL A 341 -22.51 6.98 -14.38
CA VAL A 341 -23.36 6.58 -15.50
C VAL A 341 -23.90 5.18 -15.27
N LYS A 342 -23.02 4.26 -14.90
CA LYS A 342 -23.42 2.88 -14.69
C LYS A 342 -23.65 2.52 -13.24
N SER A 343 -23.08 3.27 -12.29
N SER A 343 -22.98 3.15 -12.27
CA SER A 343 -23.04 2.86 -10.89
CA SER A 343 -23.16 2.81 -10.86
C SER A 343 -22.96 4.06 -9.97
C SER A 343 -22.99 4.02 -9.97
N PRO A 344 -24.08 4.76 -9.76
CA PRO A 344 -24.03 5.87 -8.77
C PRO A 344 -23.62 5.41 -7.37
N THR A 345 -23.98 4.19 -6.98
CA THR A 345 -23.60 3.72 -5.65
C THR A 345 -22.10 3.53 -5.53
N PHE A 346 -21.49 2.85 -6.49
CA PHE A 346 -20.04 2.68 -6.44
C PHE A 346 -19.32 4.03 -6.54
N ALA A 347 -19.85 4.95 -7.36
CA ALA A 347 -19.27 6.27 -7.49
C ALA A 347 -19.19 6.94 -6.13
N GLU A 348 -20.23 6.80 -5.31
CA GLU A 348 -20.19 7.40 -3.99
C GLU A 348 -19.14 6.73 -3.11
N SER A 349 -18.99 5.41 -3.22
CA SER A 349 -17.94 4.74 -2.44
C SER A 349 -16.58 5.28 -2.81
N VAL A 350 -16.34 5.56 -4.10
CA VAL A 350 -15.07 6.13 -4.54
C VAL A 350 -14.93 7.56 -4.03
N ALA A 351 -16.02 8.32 -4.05
CA ALA A 351 -15.98 9.67 -3.51
C ALA A 351 -15.55 9.64 -2.04
N VAL A 352 -16.04 8.65 -1.29
CA VAL A 352 -15.64 8.52 0.11
C VAL A 352 -14.16 8.18 0.23
N VAL A 353 -13.67 7.25 -0.59
CA VAL A 353 -12.25 6.90 -0.59
C VAL A 353 -11.40 8.14 -0.88
N TRP A 354 -11.83 8.94 -1.87
CA TRP A 354 -11.05 10.12 -2.22
C TRP A 354 -11.04 11.12 -1.06
N GLU A 355 -12.20 11.38 -0.46
CA GLU A 355 -12.22 12.32 0.65
C GLU A 355 -11.30 11.86 1.79
N LYS A 356 -11.35 10.57 2.13
CA LYS A 356 -10.46 10.04 3.17
C LYS A 356 -9.00 10.26 2.80
N THR A 357 -8.65 9.95 1.55
CA THR A 357 -7.26 10.11 1.11
C THR A 357 -6.85 11.58 1.13
N HIS A 358 -7.72 12.45 0.60
CA HIS A 358 -7.42 13.87 0.51
C HIS A 358 -7.23 14.49 1.88
N LYS A 359 -7.99 14.03 2.87
CA LYS A 359 -7.95 14.60 4.20
C LYS A 359 -6.98 13.90 5.13
N ARG A 360 -6.28 12.87 4.62
CA ARG A 360 -5.34 12.13 5.44
C ARG A 360 -4.31 13.09 6.04
N LYS A 361 -4.08 12.95 7.34
CA LYS A 361 -3.25 13.89 8.08
C LYS A 361 -2.00 14.24 7.30
N LYS A 362 -1.80 15.52 7.03
CA LYS A 362 -0.67 15.98 6.25
C LYS A 362 0.60 16.01 7.09
#